data_3BYD
#
_entry.id   3BYD
#
_cell.length_a   46.545
_cell.length_b   73.431
_cell.length_c   84.561
_cell.angle_alpha   90.000
_cell.angle_beta   90.000
_cell.angle_gamma   90.000
#
_symmetry.space_group_name_H-M   'P 21 21 21'
#
loop_
_entity.id
_entity.type
_entity.pdbx_description
1 polymer 'Beta-lactamase OXY-1'
2 non-polymer 'SULFATE ION'
3 non-polymer 'ACETATE ION'
4 water water
#
_entity_poly.entity_id   1
_entity_poly.type   'polypeptide(L)'
_entity_poly.pdbx_seq_one_letter_code
;SLWASADAIQQKLADLEKRSGGRLGVALINTADDSQTLYRGDERFAMCSTGKVMAAAAVLKQSESNPEVVNKRLEIKKSD
LVVWSPITEKHLQSGMTLAELSAAALQYSDNTAMNKMISYLGGPEKVTAFAQSIGDVTFRLDRTEPALNSAIPGDKRDTT
TPLAMAESLRKLTLGNALGEQQRAQLVTWLKGNTTGGQSIRAGLPASWAVGDKTGAGDYGTTNDIAVIWPENHAPLVLVT
YFTQPQQDAKSRKEVLAAAAKIVTEGL
;
_entity_poly.pdbx_strand_id   A
#
loop_
_chem_comp.id
_chem_comp.type
_chem_comp.name
_chem_comp.formula
ACT non-polymer 'ACETATE ION' 'C2 H3 O2 -1'
SO4 non-polymer 'SULFATE ION' 'O4 S -2'
#
# COMPACT_ATOMS: atom_id res chain seq x y z
N ASP A 7 -14.53 14.88 -18.50
CA ASP A 7 -15.19 13.55 -18.64
C ASP A 7 -16.29 13.44 -17.58
N ALA A 8 -17.22 12.50 -17.80
CA ALA A 8 -18.18 12.09 -16.80
C ALA A 8 -17.46 11.44 -15.63
N ILE A 9 -16.34 10.74 -15.91
CA ILE A 9 -15.53 10.11 -14.85
C ILE A 9 -14.92 11.17 -13.93
N GLN A 10 -14.32 12.20 -14.53
CA GLN A 10 -13.77 13.32 -13.75
C GLN A 10 -14.82 14.04 -12.89
N GLN A 11 -16.01 14.22 -13.44
CA GLN A 11 -17.11 14.86 -12.73
C GLN A 11 -17.69 13.97 -11.61
N LYS A 12 -17.83 12.68 -11.90
CA LYS A 12 -18.33 11.72 -10.90
C LYS A 12 -17.38 11.58 -9.71
N LEU A 13 -16.08 11.67 -9.95
CA LEU A 13 -15.11 11.59 -8.85
C LEU A 13 -15.11 12.87 -8.02
N ALA A 14 -15.27 14.01 -8.70
CA ALA A 14 -15.36 15.29 -8.04
C ALA A 14 -16.62 15.34 -7.15
N ASP A 15 -17.69 14.74 -7.65
CA ASP A 15 -18.96 14.65 -6.95
C ASP A 15 -18.90 13.70 -5.75
N LEU A 16 -18.25 12.54 -5.92
CA LEU A 16 -17.97 11.58 -4.82
C LEU A 16 -17.17 12.29 -3.73
N GLU A 17 -16.12 13.01 -4.14
CA GLU A 17 -15.27 13.79 -3.22
C GLU A 17 -16.08 14.80 -2.41
N LYS A 18 -16.93 15.57 -3.10
CA LYS A 18 -17.71 16.62 -2.42
C LYS A 18 -18.69 16.00 -1.41
N ARG A 19 -19.37 14.93 -1.84
CA ARG A 19 -20.34 14.22 -1.00
C ARG A 19 -19.72 13.68 0.28
N SER A 20 -18.51 13.12 0.14
CA SER A 20 -17.80 12.42 1.22
C SER A 20 -17.23 13.37 2.28
N GLY A 21 -17.12 14.65 1.96
CA GLY A 21 -16.59 15.65 2.91
C GLY A 21 -15.08 15.57 3.08
N GLY A 22 -14.37 15.00 2.10
CA GLY A 22 -12.92 14.95 2.19
C GLY A 22 -12.17 15.27 0.92
N ARG A 23 -10.95 14.73 0.83
CA ARG A 23 -10.10 14.86 -0.33
C ARG A 23 -9.76 13.46 -0.86
N LEU A 24 -10.07 13.26 -2.13
CA LEU A 24 -9.92 11.97 -2.81
C LEU A 24 -8.77 12.02 -3.82
N GLY A 25 -7.98 10.95 -3.86
CA GLY A 25 -6.88 10.83 -4.80
C GLY A 25 -6.98 9.47 -5.47
N VAL A 26 -6.94 9.48 -6.81
CA VAL A 26 -7.06 8.24 -7.60
C VAL A 26 -6.04 8.21 -8.73
N ALA A 27 -5.44 7.03 -8.92
CA ALA A 27 -4.67 6.71 -10.11
C ALA A 27 -4.98 5.30 -10.56
N LEU A 28 -5.56 5.20 -11.75
CA LEU A 28 -5.76 3.90 -12.37
C LEU A 28 -4.84 3.81 -13.56
N ILE A 29 -4.11 2.70 -13.65
CA ILE A 29 -3.28 2.43 -14.81
C ILE A 29 -3.80 1.17 -15.48
N ASN A 30 -4.17 1.28 -16.75
CA ASN A 30 -4.64 0.12 -17.51
C ASN A 30 -3.47 -0.42 -18.34
N THR A 31 -2.95 -1.58 -17.98
CA THR A 31 -1.77 -2.13 -18.71
C THR A 31 -2.07 -2.65 -20.14
N ALA A 32 -3.35 -2.67 -20.51
CA ALA A 32 -3.73 -3.07 -21.88
C ALA A 32 -3.16 -2.06 -22.88
N ASP A 33 -3.21 -0.79 -22.53
CA ASP A 33 -2.77 0.30 -23.41
C ASP A 33 -1.98 1.40 -22.70
N ASP A 34 -1.66 1.19 -21.42
CA ASP A 34 -0.98 2.19 -20.59
C ASP A 34 -1.77 3.48 -20.30
N SER A 35 -3.06 3.50 -20.62
CA SER A 35 -3.86 4.67 -20.31
C SER A 35 -3.99 4.86 -18.81
N GLN A 36 -4.12 6.12 -18.39
CA GLN A 36 -4.24 6.46 -16.98
C GLN A 36 -5.54 7.22 -16.76
N THR A 37 -6.13 7.01 -15.60
CA THR A 37 -7.29 7.82 -15.17
C THR A 37 -6.90 8.34 -13.81
N LEU A 38 -6.79 9.68 -13.72
CA LEU A 38 -6.22 10.32 -12.53
C LEU A 38 -7.18 11.32 -11.93
N TYR A 39 -7.14 11.45 -10.61
CA TYR A 39 -7.85 12.49 -9.91
C TYR A 39 -6.96 12.91 -8.75
N ARG A 40 -6.63 14.21 -8.68
CA ARG A 40 -5.62 14.71 -7.73
C ARG A 40 -4.43 13.73 -7.72
N GLY A 41 -4.04 13.30 -8.92
CA GLY A 41 -3.08 12.20 -9.08
C GLY A 41 -1.67 12.64 -8.71
N ASP A 42 -1.45 13.96 -8.71
CA ASP A 42 -0.14 14.52 -8.35
C ASP A 42 -0.14 15.27 -7.01
N GLU A 43 -1.18 15.07 -6.19
CA GLU A 43 -1.22 15.64 -4.85
C GLU A 43 -0.74 14.61 -3.84
N ARG A 44 -0.03 15.06 -2.81
CA ARG A 44 0.44 14.19 -1.72
C ARG A 44 -0.68 13.81 -0.75
N PHE A 45 -0.63 12.56 -0.29
CA PHE A 45 -1.55 11.99 0.71
C PHE A 45 -0.70 11.13 1.61
N ALA A 46 -1.08 11.04 2.89
CA ALA A 46 -0.41 10.15 3.83
C ALA A 46 -0.69 8.69 3.45
N MET A 47 0.37 7.92 3.31
CA MET A 47 0.26 6.55 2.84
C MET A 47 -0.31 5.61 3.88
N CYS A 48 -0.01 5.90 5.15
CA CYS A 48 -0.35 5.00 6.24
C CYS A 48 0.18 3.59 5.90
N SER A 49 -0.56 2.53 6.18
CA SER A 49 0.01 1.17 6.00
C SER A 49 0.23 0.75 4.55
N THR A 50 -0.24 1.53 3.56
CA THR A 50 0.10 1.21 2.17
C THR A 50 1.63 1.29 1.93
N GLY A 51 2.32 2.02 2.80
CA GLY A 51 3.77 2.11 2.78
C GLY A 51 4.46 0.78 3.05
N LYS A 52 3.73 -0.16 3.68
CA LYS A 52 4.30 -1.50 3.97
C LYS A 52 4.69 -2.27 2.72
N VAL A 53 4.03 -1.98 1.61
CA VAL A 53 4.38 -2.63 0.35
C VAL A 53 5.81 -2.29 -0.08
N MET A 54 6.18 -1.00 0.02
CA MET A 54 7.51 -0.56 -0.38
C MET A 54 8.60 -1.17 0.52
N ALA A 55 8.33 -1.26 1.82
CA ALA A 55 9.23 -1.90 2.77
C ALA A 55 9.44 -3.39 2.43
N ALA A 56 8.35 -4.11 2.21
CA ALA A 56 8.46 -5.54 1.85
C ALA A 56 9.26 -5.71 0.57
N ALA A 57 9.01 -4.84 -0.41
CA ALA A 57 9.72 -4.92 -1.70
C ALA A 57 11.20 -4.62 -1.51
N ALA A 58 11.53 -3.69 -0.61
CA ALA A 58 12.94 -3.40 -0.34
C ALA A 58 13.68 -4.59 0.26
N VAL A 59 13.01 -5.31 1.15
CA VAL A 59 13.54 -6.54 1.75
C VAL A 59 13.72 -7.61 0.65
N LEU A 60 12.68 -7.78 -0.18
CA LEU A 60 12.79 -8.73 -1.33
C LEU A 60 13.97 -8.43 -2.25
N LYS A 61 14.19 -7.14 -2.51
CA LYS A 61 15.31 -6.72 -3.36
C LYS A 61 16.65 -7.06 -2.74
N GLN A 62 16.84 -6.76 -1.46
CA GLN A 62 18.08 -7.11 -0.78
C GLN A 62 18.32 -8.63 -0.85
N SER A 63 17.24 -9.40 -0.81
CA SER A 63 17.32 -10.87 -0.83
C SER A 63 17.83 -11.41 -2.18
N GLU A 64 17.71 -10.63 -3.26
CA GLU A 64 18.20 -11.06 -4.59
C GLU A 64 19.70 -11.37 -4.60
N SER A 65 20.48 -10.59 -3.84
CA SER A 65 21.94 -10.73 -3.83
C SER A 65 22.54 -11.22 -2.48
N ASN A 66 21.75 -11.17 -1.42
CA ASN A 66 22.15 -11.54 -0.06
C ASN A 66 21.33 -12.77 0.35
N PRO A 67 22.00 -13.94 0.53
CA PRO A 67 21.30 -15.20 0.89
C PRO A 67 20.90 -15.31 2.38
N GLU A 68 21.21 -14.29 3.17
CA GLU A 68 20.84 -14.28 4.59
C GLU A 68 19.79 -13.21 4.87
N VAL A 69 18.72 -13.20 4.09
CA VAL A 69 17.64 -12.22 4.22
C VAL A 69 16.29 -12.90 4.47
N VAL A 70 15.73 -13.58 3.47
CA VAL A 70 14.31 -14.01 3.61
C VAL A 70 14.09 -15.02 4.75
N ASN A 71 15.09 -15.85 5.03
CA ASN A 71 14.94 -16.82 6.14
C ASN A 71 15.70 -16.45 7.39
N LYS A 72 16.34 -15.29 7.36
CA LYS A 72 17.02 -14.78 8.58
C LYS A 72 15.98 -14.60 9.70
N ARG A 73 16.24 -15.21 10.86
CA ARG A 73 15.32 -15.12 12.00
C ARG A 73 15.63 -13.92 12.86
N LEU A 74 14.59 -13.15 13.17
CA LEU A 74 14.71 -12.00 14.07
C LEU A 74 13.95 -12.23 15.36
N GLU A 75 14.56 -11.81 16.45
CA GLU A 75 13.94 -11.82 17.78
C GLU A 75 12.89 -10.72 17.90
N ILE A 76 11.73 -11.06 18.47
CA ILE A 76 10.74 -10.04 18.77
C ILE A 76 10.70 -9.88 20.29
N LYS A 77 11.14 -8.71 20.76
CA LYS A 77 11.14 -8.39 22.20
C LYS A 77 9.76 -7.90 22.57
N LYS A 78 9.34 -8.13 23.81
CA LYS A 78 8.06 -7.59 24.28
C LYS A 78 8.03 -6.08 24.11
N SER A 79 9.19 -5.45 24.32
CA SER A 79 9.34 -4.00 24.16
C SER A 79 9.23 -3.52 22.70
N ASP A 80 9.41 -4.44 21.75
CA ASP A 80 9.24 -4.14 20.31
C ASP A 80 7.77 -3.90 19.94
N LEU A 81 6.84 -4.42 20.73
CA LEU A 81 5.45 -4.48 20.30
C LEU A 81 4.79 -3.10 20.36
N VAL A 82 4.09 -2.76 19.28
CA VAL A 82 3.28 -1.55 19.19
C VAL A 82 1.84 -1.97 18.84
N VAL A 83 0.93 -1.01 18.85
CA VAL A 83 -0.48 -1.27 18.57
C VAL A 83 -0.67 -1.89 17.17
N TRP A 84 -1.72 -2.71 17.02
CA TRP A 84 -2.04 -3.36 15.74
C TRP A 84 -0.91 -4.29 15.27
N SER A 85 -0.52 -5.20 16.17
CA SER A 85 0.50 -6.22 15.87
C SER A 85 -0.03 -7.65 16.17
N PRO A 86 -1.10 -8.08 15.48
CA PRO A 86 -1.77 -9.34 15.84
C PRO A 86 -0.91 -10.60 15.61
N ILE A 87 0.09 -10.52 14.72
CA ILE A 87 0.92 -11.67 14.39
C ILE A 87 2.17 -11.71 15.25
N THR A 88 2.94 -10.62 15.23
CA THR A 88 4.20 -10.53 15.96
C THR A 88 4.00 -10.72 17.48
N GLU A 89 2.88 -10.23 18.02
CA GLU A 89 2.58 -10.46 19.46
C GLU A 89 2.46 -11.93 19.87
N LYS A 90 2.26 -12.82 18.90
CA LYS A 90 2.13 -14.24 19.17
C LYS A 90 3.45 -15.00 19.00
N HIS A 91 4.53 -14.31 18.63
CA HIS A 91 5.80 -14.97 18.31
C HIS A 91 7.00 -14.46 19.10
N LEU A 92 6.76 -14.05 20.34
CA LEU A 92 7.83 -13.60 21.24
C LEU A 92 8.86 -14.70 21.52
N GLN A 93 8.40 -15.95 21.68
CA GLN A 93 9.30 -17.06 21.94
C GLN A 93 9.95 -17.60 20.66
N SER A 94 9.17 -17.69 19.59
CA SER A 94 9.65 -18.30 18.35
C SER A 94 10.54 -17.37 17.53
N GLY A 95 10.34 -16.07 17.65
CA GLY A 95 10.92 -15.14 16.70
C GLY A 95 10.27 -15.33 15.34
N MET A 96 10.68 -14.53 14.36
CA MET A 96 10.11 -14.58 13.01
C MET A 96 11.16 -14.30 11.95
N THR A 97 11.04 -14.96 10.80
CA THR A 97 11.91 -14.66 9.67
C THR A 97 11.50 -13.35 8.97
N LEU A 98 12.41 -12.76 8.21
CA LEU A 98 12.06 -11.56 7.44
C LEU A 98 10.91 -11.80 6.44
N ALA A 99 10.85 -12.99 5.83
CA ALA A 99 9.71 -13.34 4.97
C ALA A 99 8.40 -13.38 5.76
N GLU A 100 8.45 -13.97 6.95
CA GLU A 100 7.27 -14.09 7.81
C GLU A 100 6.82 -12.71 8.28
N LEU A 101 7.79 -11.85 8.59
CA LEU A 101 7.48 -10.47 9.02
C LEU A 101 6.87 -9.68 7.86
N SER A 102 7.43 -9.87 6.65
CA SER A 102 6.93 -9.19 5.46
C SER A 102 5.48 -9.61 5.20
N ALA A 103 5.22 -10.92 5.25
CA ALA A 103 3.87 -11.47 5.10
C ALA A 103 2.89 -10.92 6.15
N ALA A 104 3.33 -10.85 7.41
CA ALA A 104 2.49 -10.32 8.49
C ALA A 104 2.18 -8.84 8.27
N ALA A 105 3.19 -8.06 7.88
CA ALA A 105 3.00 -6.65 7.57
C ALA A 105 2.01 -6.45 6.43
N LEU A 106 2.13 -7.25 5.37
CA LEU A 106 1.26 -7.07 4.20
C LEU A 106 -0.14 -7.63 4.38
N GLN A 107 -0.26 -8.76 5.07
CA GLN A 107 -1.52 -9.48 5.06
C GLN A 107 -2.38 -9.19 6.27
N TYR A 108 -1.73 -8.77 7.36
CA TYR A 108 -2.43 -8.45 8.60
C TYR A 108 -2.13 -7.03 9.07
N SER A 109 -1.39 -6.31 8.24
CA SER A 109 -1.00 -4.92 8.50
C SER A 109 -0.30 -4.80 9.87
N ASP A 110 0.54 -5.78 10.17
CA ASP A 110 1.18 -5.88 11.48
C ASP A 110 2.21 -4.76 11.60
N ASN A 111 2.05 -3.91 12.61
CA ASN A 111 2.86 -2.68 12.74
C ASN A 111 4.26 -3.01 13.26
N THR A 112 4.32 -3.89 14.26
CA THR A 112 5.62 -4.33 14.77
C THR A 112 6.43 -5.00 13.64
N ALA A 113 5.77 -5.81 12.83
CA ALA A 113 6.45 -6.44 11.68
C ALA A 113 7.07 -5.40 10.76
N MET A 114 6.31 -4.37 10.42
CA MET A 114 6.86 -3.24 9.64
C MET A 114 8.09 -2.61 10.31
N ASN A 115 7.99 -2.30 11.61
CA ASN A 115 9.12 -1.74 12.35
C ASN A 115 10.38 -2.61 12.31
N LYS A 116 10.22 -3.91 12.48
CA LYS A 116 11.34 -4.84 12.37
C LYS A 116 11.97 -4.79 10.99
N MET A 117 11.13 -4.71 9.96
CA MET A 117 11.62 -4.60 8.59
C MET A 117 12.36 -3.29 8.38
N ILE A 118 11.78 -2.18 8.84
CA ILE A 118 12.43 -0.85 8.72
C ILE A 118 13.78 -0.89 9.42
N SER A 119 13.82 -1.46 10.62
CA SER A 119 15.06 -1.50 11.40
C SER A 119 16.12 -2.33 10.72
N TYR A 120 15.70 -3.49 10.21
CA TYR A 120 16.60 -4.37 9.48
C TYR A 120 17.22 -3.66 8.26
N LEU A 121 16.40 -2.96 7.50
CA LEU A 121 16.85 -2.24 6.30
C LEU A 121 17.78 -1.07 6.62
N GLY A 122 17.65 -0.50 7.81
CA GLY A 122 18.56 0.56 8.24
C GLY A 122 17.84 1.85 8.56
N GLY A 123 16.51 1.81 8.66
CA GLY A 123 15.73 3.00 9.02
C GLY A 123 14.81 3.50 7.92
N PRO A 124 13.87 4.41 8.26
CA PRO A 124 12.90 4.90 7.27
C PRO A 124 13.52 5.44 5.99
N GLU A 125 14.64 6.16 6.09
CA GLU A 125 15.34 6.68 4.90
C GLU A 125 15.77 5.58 3.90
N LYS A 126 16.02 4.38 4.40
CA LYS A 126 16.45 3.29 3.52
C LYS A 126 15.30 2.80 2.66
N VAL A 127 14.08 2.90 3.17
CA VAL A 127 12.89 2.60 2.37
C VAL A 127 12.69 3.65 1.28
N THR A 128 12.88 4.93 1.64
CA THR A 128 12.86 5.99 0.62
C THR A 128 13.92 5.70 -0.46
N ALA A 129 15.12 5.33 -0.04
CA ALA A 129 16.23 5.02 -0.95
C ALA A 129 15.87 3.88 -1.92
N PHE A 130 15.18 2.86 -1.40
CA PHE A 130 14.72 1.80 -2.28
C PHE A 130 13.75 2.35 -3.32
N ALA A 131 12.78 3.16 -2.88
CA ALA A 131 11.83 3.78 -3.82
C ALA A 131 12.56 4.61 -4.88
N GLN A 132 13.51 5.44 -4.44
CA GLN A 132 14.38 6.18 -5.37
C GLN A 132 15.07 5.24 -6.38
N SER A 133 15.60 4.12 -5.91
CA SER A 133 16.30 3.16 -6.80
C SER A 133 15.40 2.56 -7.90
N ILE A 134 14.08 2.59 -7.69
CA ILE A 134 13.18 2.08 -8.74
C ILE A 134 12.55 3.21 -9.58
N GLY A 135 13.04 4.43 -9.36
CA GLY A 135 12.62 5.60 -10.15
C GLY A 135 11.45 6.36 -9.57
N ASP A 136 11.10 6.04 -8.33
CA ASP A 136 10.05 6.75 -7.61
C ASP A 136 10.70 7.90 -6.84
N VAL A 137 10.53 9.10 -7.38
CA VAL A 137 11.14 10.28 -6.76
C VAL A 137 10.19 11.03 -5.80
N THR A 138 9.05 10.41 -5.52
CA THR A 138 7.96 11.05 -4.79
C THR A 138 7.78 10.48 -3.39
N PHE A 139 7.70 9.14 -3.34
CA PHE A 139 7.56 8.39 -2.10
C PHE A 139 8.52 8.94 -1.05
N ARG A 140 8.03 9.09 0.17
CA ARG A 140 8.90 9.36 1.31
C ARG A 140 8.39 8.67 2.56
N LEU A 141 9.28 7.93 3.21
CA LEU A 141 9.01 7.39 4.53
C LEU A 141 9.90 8.06 5.55
N ASP A 142 9.25 8.68 6.53
CA ASP A 142 9.96 9.52 7.49
C ASP A 142 9.97 8.96 8.90
N ARG A 143 8.93 8.20 9.25
CA ARG A 143 8.74 7.77 10.63
C ARG A 143 8.41 6.29 10.70
N THR A 144 8.34 5.74 11.91
CA THR A 144 8.00 4.33 12.10
C THR A 144 6.53 4.20 12.53
N GLU A 145 6.09 2.96 12.76
CA GLU A 145 4.73 2.70 13.24
C GLU A 145 4.66 2.90 14.73
N PRO A 146 3.54 3.47 15.24
CA PRO A 146 2.36 3.96 14.52
C PRO A 146 2.41 5.47 14.21
N ALA A 147 3.54 6.11 14.49
CA ALA A 147 3.68 7.56 14.31
C ALA A 147 3.40 8.04 12.88
N LEU A 148 3.73 7.20 11.91
CA LEU A 148 3.52 7.57 10.50
C LEU A 148 2.03 7.67 10.10
N ASN A 149 1.10 7.33 11.00
CA ASN A 149 -0.33 7.43 10.69
C ASN A 149 -0.98 8.72 11.13
N SER A 150 -0.18 9.73 11.50
CA SER A 150 -0.76 11.01 11.99
C SER A 150 -1.59 11.72 10.91
N ALA A 151 -1.16 11.60 9.66
CA ALA A 151 -1.89 12.08 8.47
C ALA A 151 -2.40 13.51 8.59
N ILE A 152 -1.58 14.36 9.17
CA ILE A 152 -1.93 15.77 9.39
C ILE A 152 -2.00 16.46 8.03
N PRO A 153 -3.15 17.10 7.73
CA PRO A 153 -3.30 17.75 6.42
C PRO A 153 -2.14 18.72 6.19
N GLY A 154 -1.52 18.66 5.01
CA GLY A 154 -0.44 19.60 4.66
C GLY A 154 0.95 19.11 5.05
N ASP A 155 1.00 18.13 5.95
CA ASP A 155 2.25 17.48 6.35
C ASP A 155 2.74 16.58 5.20
N LYS A 156 3.98 16.79 4.75
CA LYS A 156 4.58 15.95 3.68
C LYS A 156 5.19 14.62 4.18
N ARG A 157 5.34 14.49 5.50
CA ARG A 157 5.91 13.25 6.10
C ARG A 157 5.09 12.03 5.73
N ASP A 158 5.79 10.98 5.29
CA ASP A 158 5.17 9.67 5.04
C ASP A 158 4.04 9.78 4.02
N THR A 159 4.32 10.55 2.96
CA THR A 159 3.36 10.76 1.91
C THR A 159 3.87 10.30 0.55
N THR A 160 2.92 10.10 -0.36
CA THR A 160 3.23 10.00 -1.79
C THR A 160 2.03 10.52 -2.57
N THR A 161 2.12 10.49 -3.91
CA THR A 161 0.99 10.83 -4.74
C THR A 161 0.35 9.56 -5.29
N PRO A 162 -0.97 9.62 -5.56
CA PRO A 162 -1.65 8.44 -6.10
C PRO A 162 -0.97 7.90 -7.36
N LEU A 163 -0.53 8.78 -8.26
CA LEU A 163 0.12 8.34 -9.50
C LEU A 163 1.50 7.72 -9.24
N ALA A 164 2.29 8.35 -8.38
CA ALA A 164 3.60 7.78 -8.05
C ALA A 164 3.45 6.36 -7.46
N MET A 165 2.47 6.20 -6.58
CA MET A 165 2.26 4.91 -5.93
C MET A 165 1.76 3.85 -6.91
N ALA A 166 0.91 4.25 -7.84
CA ALA A 166 0.46 3.35 -8.92
C ALA A 166 1.59 2.93 -9.85
N GLU A 167 2.39 3.90 -10.28
CA GLU A 167 3.53 3.60 -11.13
C GLU A 167 4.50 2.64 -10.43
N SER A 168 4.77 2.88 -9.14
CA SER A 168 5.66 2.00 -8.38
C SER A 168 5.06 0.61 -8.15
N LEU A 169 3.77 0.55 -7.86
CA LEU A 169 3.12 -0.75 -7.64
C LEU A 169 3.17 -1.56 -8.94
N ARG A 170 3.00 -0.87 -10.06
CA ARG A 170 3.16 -1.54 -11.37
C ARG A 170 4.57 -2.12 -11.57
N LYS A 171 5.58 -1.29 -11.33
CA LYS A 171 6.98 -1.70 -11.49
C LYS A 171 7.29 -2.91 -10.63
N LEU A 172 6.75 -2.92 -9.41
CA LEU A 172 7.06 -3.96 -8.42
C LEU A 172 6.35 -5.29 -8.64
N THR A 173 5.10 -5.24 -9.09
CA THR A 173 4.27 -6.44 -9.22
C THR A 173 4.19 -6.98 -10.64
N LEU A 174 4.44 -6.11 -11.62
CA LEU A 174 4.30 -6.46 -13.04
C LEU A 174 5.53 -6.13 -13.88
N GLY A 175 6.34 -5.20 -13.39
CA GLY A 175 7.49 -4.74 -14.16
C GLY A 175 8.81 -5.30 -13.66
N ASN A 176 9.89 -4.53 -13.84
CA ASN A 176 11.25 -5.07 -13.72
C ASN A 176 11.99 -4.63 -12.43
N ALA A 177 11.26 -4.08 -11.48
CA ALA A 177 11.87 -3.60 -10.22
C ALA A 177 12.46 -4.74 -9.40
N LEU A 178 11.78 -5.89 -9.41
CA LEU A 178 12.26 -7.11 -8.73
C LEU A 178 12.51 -8.23 -9.73
N GLY A 179 13.32 -9.20 -9.34
CA GLY A 179 13.54 -10.41 -10.13
C GLY A 179 12.24 -11.18 -10.13
N GLU A 180 12.09 -12.12 -11.06
CA GLU A 180 10.85 -12.90 -11.17
C GLU A 180 10.43 -13.57 -9.86
N GLN A 181 11.36 -14.29 -9.22
CA GLN A 181 11.05 -14.95 -7.97
C GLN A 181 10.46 -14.00 -6.90
N GLN A 182 11.08 -12.83 -6.77
CA GLN A 182 10.65 -11.84 -5.78
C GLN A 182 9.35 -11.15 -6.15
N ARG A 183 9.22 -10.80 -7.42
CA ARG A 183 7.99 -10.21 -7.96
C ARG A 183 6.82 -11.15 -7.68
N ALA A 184 7.00 -12.42 -8.04
CA ALA A 184 5.99 -13.42 -7.80
C ALA A 184 5.64 -13.54 -6.31
N GLN A 185 6.66 -13.50 -5.46
CA GLN A 185 6.42 -13.55 -4.01
C GLN A 185 5.57 -12.38 -3.50
N LEU A 186 5.89 -11.19 -3.99
CA LEU A 186 5.16 -9.99 -3.55
C LEU A 186 3.70 -10.07 -3.97
N VAL A 187 3.47 -10.52 -5.21
CA VAL A 187 2.11 -10.71 -5.71
C VAL A 187 1.34 -11.73 -4.85
N THR A 188 1.97 -12.87 -4.55
CA THR A 188 1.35 -13.89 -3.68
C THR A 188 0.94 -13.31 -2.34
N TRP A 189 1.85 -12.54 -1.74
CA TRP A 189 1.53 -11.88 -0.46
C TRP A 189 0.34 -10.95 -0.59
N LEU A 190 0.35 -10.10 -1.61
CA LEU A 190 -0.76 -9.17 -1.80
C LEU A 190 -2.10 -9.88 -2.04
N LYS A 191 -2.07 -10.96 -2.82
CA LYS A 191 -3.28 -11.74 -3.07
C LYS A 191 -3.86 -12.35 -1.79
N GLY A 192 -2.98 -12.60 -0.82
CA GLY A 192 -3.39 -13.17 0.48
C GLY A 192 -3.76 -12.13 1.53
N ASN A 193 -3.84 -10.85 1.15
CA ASN A 193 -4.24 -9.81 2.10
C ASN A 193 -5.57 -10.13 2.79
N THR A 194 -5.64 -9.95 4.10
CA THR A 194 -6.85 -10.32 4.88
C THR A 194 -7.76 -9.14 5.22
N THR A 195 -7.29 -7.93 4.92
CA THR A 195 -7.87 -6.67 5.43
C THR A 195 -8.59 -5.82 4.36
N GLY A 196 -8.66 -6.33 3.13
CA GLY A 196 -9.12 -5.49 2.02
C GLY A 196 -10.52 -5.67 1.48
N GLY A 197 -11.33 -6.51 2.13
CA GLY A 197 -12.63 -6.89 1.59
C GLY A 197 -13.63 -5.76 1.36
N GLN A 198 -13.52 -4.69 2.13
CA GLN A 198 -14.50 -3.60 2.08
C GLN A 198 -13.99 -2.39 1.30
N SER A 199 -12.75 -2.49 0.80
CA SER A 199 -12.16 -1.35 0.09
C SER A 199 -12.22 -1.50 -1.43
N ILE A 200 -11.08 -1.47 -2.13
CA ILE A 200 -11.11 -1.51 -3.60
C ILE A 200 -11.90 -2.74 -4.11
N ARG A 201 -11.64 -3.91 -3.53
CA ARG A 201 -12.24 -5.19 -3.99
C ARG A 201 -13.76 -5.12 -4.04
N ALA A 202 -14.33 -4.40 -3.06
CA ALA A 202 -15.78 -4.24 -2.94
C ALA A 202 -16.41 -3.52 -4.13
N GLY A 203 -15.61 -2.71 -4.84
CA GLY A 203 -16.09 -1.97 -6.01
C GLY A 203 -15.86 -2.63 -7.36
N LEU A 204 -15.25 -3.82 -7.34
CA LEU A 204 -14.83 -4.51 -8.55
C LEU A 204 -15.65 -5.76 -8.82
N PRO A 205 -15.76 -6.17 -10.11
CA PRO A 205 -16.38 -7.44 -10.49
C PRO A 205 -15.77 -8.64 -9.78
N ALA A 206 -16.59 -9.66 -9.54
CA ALA A 206 -16.14 -10.90 -8.89
C ALA A 206 -15.10 -11.65 -9.73
N SER A 207 -15.18 -11.53 -11.05
CA SER A 207 -14.23 -12.17 -11.97
C SER A 207 -12.84 -11.55 -12.00
N TRP A 208 -12.66 -10.41 -11.34
CA TRP A 208 -11.35 -9.81 -11.25
C TRP A 208 -10.64 -10.25 -9.98
N ALA A 209 -9.50 -10.91 -10.12
CA ALA A 209 -8.66 -11.27 -8.97
C ALA A 209 -7.96 -10.02 -8.44
N VAL A 210 -7.72 -9.95 -7.13
CA VAL A 210 -7.14 -8.74 -6.53
C VAL A 210 -6.04 -9.10 -5.54
N GLY A 211 -4.96 -8.34 -5.60
CA GLY A 211 -3.97 -8.33 -4.53
C GLY A 211 -3.93 -6.86 -4.11
N ASP A 212 -4.00 -6.60 -2.81
CA ASP A 212 -4.08 -5.22 -2.33
C ASP A 212 -3.45 -5.04 -0.95
N LYS A 213 -3.21 -3.77 -0.62
CA LYS A 213 -2.80 -3.34 0.71
C LYS A 213 -3.60 -2.11 1.08
N THR A 214 -4.29 -2.21 2.21
CA THR A 214 -5.02 -1.08 2.79
C THR A 214 -4.15 -0.22 3.69
N GLY A 215 -4.67 0.95 4.04
CA GLY A 215 -4.03 1.80 5.02
C GLY A 215 -5.10 2.64 5.68
N ALA A 216 -4.96 2.83 6.99
CA ALA A 216 -5.87 3.67 7.77
C ALA A 216 -5.05 4.54 8.69
N GLY A 217 -5.51 5.77 8.89
CA GLY A 217 -4.80 6.65 9.78
C GLY A 217 -5.71 7.68 10.42
N ASP A 218 -5.09 8.61 11.12
CA ASP A 218 -5.80 9.72 11.71
C ASP A 218 -6.37 10.60 10.61
N TYR A 219 -7.26 11.53 10.96
CA TYR A 219 -7.96 12.33 9.97
C TYR A 219 -8.80 11.49 9.02
N GLY A 220 -9.31 10.38 9.56
CA GLY A 220 -10.16 9.45 8.81
C GLY A 220 -9.53 8.96 7.54
N THR A 221 -8.21 8.81 7.56
CA THR A 221 -7.48 8.51 6.33
C THR A 221 -7.76 7.04 6.01
N THR A 222 -8.19 6.80 4.77
CA THR A 222 -8.62 5.47 4.35
C THR A 222 -8.06 5.26 2.97
N ASN A 223 -7.20 4.24 2.84
CA ASN A 223 -6.39 4.04 1.65
C ASN A 223 -6.43 2.60 1.19
N ASP A 224 -6.23 2.41 -0.11
CA ASP A 224 -6.06 1.06 -0.64
C ASP A 224 -5.31 1.16 -1.96
N ILE A 225 -4.38 0.22 -2.17
CA ILE A 225 -3.67 0.08 -3.44
C ILE A 225 -3.83 -1.36 -3.91
N ALA A 226 -4.06 -1.55 -5.21
CA ALA A 226 -4.36 -2.87 -5.72
C ALA A 226 -3.78 -3.12 -7.09
N VAL A 227 -3.37 -4.37 -7.31
CA VAL A 227 -3.18 -4.92 -8.63
C VAL A 227 -4.36 -5.86 -8.93
N ILE A 228 -4.89 -5.75 -10.15
CA ILE A 228 -6.16 -6.31 -10.51
C ILE A 228 -5.96 -7.16 -11.73
N TRP A 229 -6.38 -8.42 -11.65
CA TRP A 229 -6.21 -9.36 -12.77
C TRP A 229 -7.56 -9.85 -13.25
N PRO A 230 -8.11 -9.24 -14.31
CA PRO A 230 -9.35 -9.76 -14.89
C PRO A 230 -9.18 -11.16 -15.49
N GLU A 231 -10.29 -11.88 -15.62
CA GLU A 231 -10.26 -13.23 -16.17
C GLU A 231 -9.93 -13.23 -17.66
N ASN A 232 -10.32 -12.16 -18.36
CA ASN A 232 -10.27 -12.11 -19.81
C ASN A 232 -9.66 -10.83 -20.39
N HIS A 233 -9.00 -10.04 -19.55
CA HIS A 233 -8.37 -8.77 -19.95
C HIS A 233 -7.04 -8.59 -19.27
N ALA A 234 -6.24 -7.64 -19.74
CA ALA A 234 -4.94 -7.34 -19.10
C ALA A 234 -5.08 -6.68 -17.72
N PRO A 235 -4.07 -6.84 -16.86
CA PRO A 235 -4.13 -6.29 -15.50
C PRO A 235 -4.29 -4.78 -15.43
N LEU A 236 -4.84 -4.33 -14.31
CA LEU A 236 -4.94 -2.90 -13.93
C LEU A 236 -4.25 -2.71 -12.60
N VAL A 237 -3.76 -1.49 -12.39
CA VAL A 237 -3.18 -1.07 -11.13
C VAL A 237 -3.98 0.16 -10.69
N LEU A 238 -4.45 0.11 -9.46
CA LEU A 238 -5.35 1.11 -8.92
C LEU A 238 -4.95 1.53 -7.52
N VAL A 239 -4.81 2.84 -7.33
CA VAL A 239 -4.57 3.45 -6.03
C VAL A 239 -5.73 4.40 -5.71
N THR A 240 -6.34 4.20 -4.53
CA THR A 240 -7.39 5.08 -4.02
C THR A 240 -7.02 5.56 -2.63
N TYR A 241 -6.85 6.88 -2.51
CA TYR A 241 -6.47 7.52 -1.25
C TYR A 241 -7.58 8.48 -0.84
N PHE A 242 -7.87 8.54 0.45
CA PHE A 242 -8.91 9.41 0.95
C PHE A 242 -8.57 9.91 2.34
N THR A 243 -8.79 11.20 2.57
CA THR A 243 -8.53 11.79 3.88
C THR A 243 -9.51 12.93 4.11
N GLN A 244 -9.63 13.33 5.38
CA GLN A 244 -10.73 14.16 5.83
C GLN A 244 -10.17 15.28 6.71
N PRO A 245 -10.91 16.40 6.85
CA PRO A 245 -10.42 17.57 7.62
C PRO A 245 -10.37 17.42 9.15
N GLN A 246 -11.16 16.52 9.72
CA GLN A 246 -11.24 16.34 11.16
C GLN A 246 -10.34 15.19 11.65
N GLN A 247 -9.50 15.46 12.64
CA GLN A 247 -8.54 14.47 13.17
C GLN A 247 -9.18 13.14 13.59
N ASP A 248 -10.37 13.24 14.19
CA ASP A 248 -11.07 12.06 14.72
C ASP A 248 -12.03 11.38 13.72
N ALA A 249 -12.01 11.82 12.47
CA ALA A 249 -12.93 11.28 11.44
C ALA A 249 -12.88 9.74 11.35
N LYS A 250 -14.04 9.13 11.12
CA LYS A 250 -14.11 7.68 10.97
C LYS A 250 -13.62 7.26 9.59
N SER A 251 -13.14 6.02 9.49
CA SER A 251 -12.73 5.45 8.21
C SER A 251 -13.92 5.42 7.26
N ARG A 252 -13.66 5.59 5.96
CA ARG A 252 -14.72 5.56 4.97
C ARG A 252 -14.33 4.65 3.79
N LYS A 253 -14.26 3.35 4.07
CA LYS A 253 -13.84 2.36 3.08
C LYS A 253 -14.76 2.37 1.87
N GLU A 254 -16.05 2.68 2.10
CA GLU A 254 -17.04 2.66 1.03
C GLU A 254 -16.72 3.70 -0.03
N VAL A 255 -16.04 4.78 0.36
CA VAL A 255 -15.61 5.79 -0.60
C VAL A 255 -14.61 5.20 -1.60
N LEU A 256 -13.72 4.33 -1.13
CA LEU A 256 -12.73 3.73 -1.99
C LEU A 256 -13.37 2.74 -2.93
N ALA A 257 -14.33 1.96 -2.43
CA ALA A 257 -15.04 1.03 -3.29
C ALA A 257 -15.80 1.79 -4.38
N ALA A 258 -16.44 2.90 -4.01
CA ALA A 258 -17.22 3.70 -4.95
C ALA A 258 -16.32 4.35 -5.99
N ALA A 259 -15.16 4.83 -5.55
CA ALA A 259 -14.18 5.39 -6.48
C ALA A 259 -13.63 4.33 -7.45
N ALA A 260 -13.32 3.13 -6.94
CA ALA A 260 -12.88 2.01 -7.78
C ALA A 260 -13.91 1.67 -8.83
N LYS A 261 -15.19 1.69 -8.41
CA LYS A 261 -16.30 1.42 -9.32
C LYS A 261 -16.40 2.49 -10.41
N ILE A 262 -16.35 3.77 -10.04
CA ILE A 262 -16.40 4.85 -11.04
C ILE A 262 -15.30 4.71 -12.11
N VAL A 263 -14.06 4.46 -11.68
CA VAL A 263 -12.95 4.46 -12.63
C VAL A 263 -12.84 3.20 -13.48
N THR A 264 -13.43 2.10 -13.03
CA THR A 264 -13.35 0.81 -13.76
C THR A 264 -14.64 0.41 -14.49
N GLU A 265 -15.70 1.18 -14.23
CA GLU A 265 -17.06 0.88 -14.71
C GLU A 265 -17.18 0.61 -16.22
N GLY A 266 -16.41 1.34 -17.03
CA GLY A 266 -16.43 1.17 -18.48
C GLY A 266 -15.73 -0.09 -18.98
N LEU A 267 -15.03 -0.75 -18.05
CA LEU A 267 -14.13 -1.90 -18.24
C LEU A 267 -12.68 -1.44 -18.46
S SO4 B . -4.80 -1.08 7.90
O1 SO4 B . -5.69 -0.27 7.10
O2 SO4 B . -5.50 -1.58 9.08
O3 SO4 B . -3.63 -0.32 8.34
O4 SO4 B . -4.40 -2.22 7.07
S SO4 C . -13.23 -10.11 -17.25
O1 SO4 C . -13.79 -8.77 -17.07
O2 SO4 C . -14.20 -10.96 -17.93
O3 SO4 C . -12.98 -10.77 -15.97
O4 SO4 C . -11.99 -9.99 -17.97
S SO4 D . -13.82 -11.69 1.32
O1 SO4 D . -15.24 -12.00 1.40
O2 SO4 D . -13.04 -12.64 2.11
O3 SO4 D . -13.56 -10.33 1.80
O4 SO4 D . -13.41 -11.77 -0.09
S SO4 E . 7.42 18.24 -2.83
O1 SO4 E . 8.23 17.77 -1.70
O2 SO4 E . 7.22 19.68 -2.68
O3 SO4 E . 6.10 17.60 -2.83
O4 SO4 E . 8.12 17.97 -4.08
C ACT F . 4.52 15.61 15.52
O ACT F . 5.72 15.52 15.21
OXT ACT F . 3.69 15.46 14.58
CH3 ACT F . 4.10 15.92 16.93
#